data_4L15
#
_entry.id   4L15
#
_cell.length_a   108.295
_cell.length_b   108.295
_cell.length_c   54.870
_cell.angle_alpha   90.00
_cell.angle_beta   90.00
_cell.angle_gamma   120.00
#
_symmetry.space_group_name_H-M   'P 65'
#
loop_
_entity.id
_entity.type
_entity.pdbx_description
1 polymer 'Fidgetin-like protein 1'
2 non-polymer TRIS(HYDROXYETHYL)AMINOMETHANE
3 water water
#
_entity_poly.entity_id   1
_entity_poly.type   'polypeptide(L)'
_entity_poly.pdbx_seq_one_letter_code
;SNPLIRKAMGMDTEGGGKDEKMSGLRAEPTLKHFDENIISLIESEIMSVNNEIGWADVAGLEGAKKALREIVVLPFKRPD
VFTGIRAPPKGVLLFGPPGTGKTMIGRCVASQCKATFFNISASSLTSKWVGEGEKLVRALFSVARLKLPSVIFIDEIDSL
LSSRSESEHESSRRIKTEFLVQLDGVNTAPDERLLVLGATNRPQELDEAARRRFQKRLYIALPEPESRTQIVQNLLVGTR
HDITNHNLERIRELTDGYSGADMRQLCTEAAMGPIRDIGDDIETIDKDDIRAVTVMDFAEAARVVRPTVDDSQLDAYAAW
DKKFGCLPPPSISR
;
_entity_poly.pdbx_strand_id   A
#
loop_
_chem_comp.id
_chem_comp.type
_chem_comp.name
_chem_comp.formula
TAM non-polymer TRIS(HYDROXYETHYL)AMINOMETHANE 'C7 H17 N O3'
#
# COMPACT_ATOMS: atom_id res chain seq x y z
N ARG A 26 -4.83 24.70 14.46
CA ARG A 26 -5.65 23.66 15.06
C ARG A 26 -6.15 24.01 16.48
N ALA A 27 -7.38 23.63 16.77
CA ALA A 27 -7.99 23.93 18.06
C ALA A 27 -7.51 22.97 19.15
N GLU A 28 -6.73 21.96 18.76
CA GLU A 28 -6.25 20.98 19.74
C GLU A 28 -5.25 21.62 20.70
N PRO A 29 -5.62 21.63 22.00
CA PRO A 29 -4.82 22.20 23.08
C PRO A 29 -3.49 21.46 23.23
N THR A 30 -3.51 20.16 22.93
CA THR A 30 -2.35 19.29 23.03
C THR A 30 -1.34 19.44 21.87
N LEU A 31 -1.69 20.21 20.84
CA LEU A 31 -0.78 20.45 19.72
C LEU A 31 -0.41 21.94 19.58
N LYS A 32 -0.69 22.71 20.62
CA LYS A 32 -0.42 24.14 20.58
C LYS A 32 1.08 24.41 20.56
N HIS A 33 1.86 23.43 21.05
CA HIS A 33 3.34 23.52 21.05
C HIS A 33 4.03 23.09 19.75
N PHE A 34 3.27 22.63 18.77
CA PHE A 34 3.85 22.37 17.46
C PHE A 34 3.66 23.55 16.54
N ASP A 35 4.58 23.70 15.59
CA ASP A 35 4.43 24.64 14.50
C ASP A 35 3.05 24.51 13.87
N GLU A 36 2.42 25.66 13.65
CA GLU A 36 1.10 25.69 13.05
C GLU A 36 1.15 25.16 11.62
N ASN A 37 2.22 25.48 10.91
CA ASN A 37 2.43 24.98 9.55
C ASN A 37 2.51 23.45 9.51
N ILE A 38 3.17 22.88 10.51
CA ILE A 38 3.37 21.43 10.58
C ILE A 38 2.06 20.67 10.87
N ILE A 39 1.32 21.12 11.88
CA ILE A 39 -0.04 20.62 12.13
C ILE A 39 -0.92 20.78 10.89
N SER A 40 -0.78 21.90 10.20
CA SER A 40 -1.59 22.18 9.00
C SER A 40 -1.26 21.18 7.90
N LEU A 41 0.01 20.82 7.83
CA LEU A 41 0.48 19.82 6.89
C LEU A 41 -0.14 18.46 7.17
N ILE A 42 0.00 17.99 8.41
CA ILE A 42 -0.57 16.72 8.84
C ILE A 42 -2.06 16.68 8.53
N GLU A 43 -2.74 17.78 8.79
CA GLU A 43 -4.18 17.83 8.62
C GLU A 43 -4.62 17.67 7.16
N SER A 44 -3.91 18.31 6.23
CA SER A 44 -4.36 18.36 4.84
C SER A 44 -3.67 17.41 3.84
N GLU A 45 -2.58 16.77 4.23
CA GLU A 45 -1.86 15.90 3.28
C GLU A 45 -1.64 14.49 3.80
N ILE A 46 -1.57 14.36 5.12
CA ILE A 46 -1.18 13.10 5.70
C ILE A 46 -2.35 12.34 6.34
N MET A 47 -3.19 13.07 7.05
CA MET A 47 -4.28 12.46 7.83
C MET A 47 -5.52 12.30 6.96
N SER A 48 -6.18 11.14 7.07
CA SER A 48 -7.46 10.95 6.39
C SER A 48 -8.35 10.02 7.21
N VAL A 49 -9.66 10.17 7.04
CA VAL A 49 -10.60 9.19 7.58
C VAL A 49 -11.55 8.73 6.49
N ASN A 50 -11.31 7.52 6.01
CA ASN A 50 -12.11 6.96 4.95
C ASN A 50 -12.68 5.61 5.39
N ASN A 51 -13.88 5.62 5.97
CA ASN A 51 -14.49 4.41 6.52
C ASN A 51 -15.57 3.80 5.63
N GLU A 52 -15.38 3.85 4.32
CA GLU A 52 -16.36 3.31 3.38
C GLU A 52 -15.68 2.46 2.32
N ILE A 53 -14.46 2.04 2.61
CA ILE A 53 -13.67 1.28 1.66
C ILE A 53 -13.94 -0.21 1.81
N GLY A 54 -14.51 -0.59 2.95
CA GLY A 54 -14.70 -2.01 3.26
C GLY A 54 -13.37 -2.73 3.10
N TRP A 55 -13.38 -3.83 2.35
CA TRP A 55 -12.14 -4.47 1.95
C TRP A 55 -11.76 -4.08 0.52
N ALA A 56 -12.57 -3.20 -0.07
CA ALA A 56 -12.35 -2.68 -1.43
C ALA A 56 -12.21 -3.74 -2.54
N ASP A 57 -12.58 -4.97 -2.23
CA ASP A 57 -12.45 -6.09 -3.18
C ASP A 57 -11.06 -6.14 -3.75
N VAL A 58 -10.05 -6.04 -2.89
CA VAL A 58 -8.69 -5.87 -3.34
C VAL A 58 -8.14 -7.11 -4.04
N ALA A 59 -7.12 -6.88 -4.85
CA ALA A 59 -6.40 -7.96 -5.51
C ALA A 59 -5.48 -8.63 -4.50
N GLY A 60 -5.37 -8.01 -3.32
CA GLY A 60 -4.60 -8.55 -2.23
C GLY A 60 -5.04 -9.95 -1.88
N LEU A 61 -4.06 -10.82 -1.65
CA LEU A 61 -4.34 -12.23 -1.45
C LEU A 61 -5.17 -12.46 -0.19
N GLU A 62 -5.97 -13.53 -0.21
CA GLU A 62 -6.88 -13.83 0.89
C GLU A 62 -6.11 -14.17 2.18
N GLY A 63 -4.91 -14.72 2.02
CA GLY A 63 -4.06 -15.06 3.15
C GLY A 63 -3.59 -13.84 3.93
N ALA A 64 -3.11 -12.85 3.19
CA ALA A 64 -2.76 -11.55 3.76
C ALA A 64 -3.99 -10.89 4.38
N LYS A 65 -5.10 -10.90 3.63
CA LYS A 65 -6.35 -10.26 4.04
C LYS A 65 -6.80 -10.77 5.42
N LYS A 66 -6.77 -12.08 5.57
CA LYS A 66 -7.10 -12.74 6.82
C LYS A 66 -6.08 -12.47 7.91
N ALA A 67 -4.80 -12.32 7.52
CA ALA A 67 -3.77 -12.06 8.54
C ALA A 67 -3.96 -10.69 9.18
N LEU A 68 -4.03 -9.64 8.38
CA LEU A 68 -4.12 -8.33 8.99
C LEU A 68 -5.54 -8.08 9.52
N ARG A 69 -6.46 -8.95 9.14
CA ARG A 69 -7.75 -8.98 9.81
C ARG A 69 -7.53 -9.42 11.25
N GLU A 70 -6.74 -10.49 11.41
CA GLU A 70 -6.48 -11.07 12.71
C GLU A 70 -5.46 -10.27 13.52
N ILE A 71 -4.54 -9.62 12.81
CA ILE A 71 -3.39 -8.98 13.44
C ILE A 71 -3.71 -7.53 13.79
N VAL A 72 -4.70 -6.97 13.08
CA VAL A 72 -5.03 -5.55 13.15
C VAL A 72 -6.51 -5.29 13.39
N VAL A 73 -7.33 -5.65 12.41
CA VAL A 73 -8.74 -5.27 12.41
C VAL A 73 -9.51 -5.71 13.64
N LEU A 74 -9.43 -6.98 13.98
CA LEU A 74 -10.14 -7.47 15.15
C LEU A 74 -9.48 -7.05 16.49
N PRO A 75 -8.14 -6.97 16.54
CA PRO A 75 -7.62 -6.34 17.76
C PRO A 75 -8.06 -4.87 17.93
N PHE A 76 -8.29 -4.15 16.83
CA PHE A 76 -8.80 -2.78 16.98
C PHE A 76 -10.28 -2.74 17.35
N LYS A 77 -11.07 -3.64 16.79
CA LYS A 77 -12.50 -3.73 17.09
C LYS A 77 -12.82 -4.22 18.51
N ARG A 78 -12.04 -5.18 18.99
CA ARG A 78 -12.30 -5.84 20.26
C ARG A 78 -11.04 -5.88 21.15
N PRO A 79 -10.53 -4.71 21.57
CA PRO A 79 -9.33 -4.70 22.42
C PRO A 79 -9.50 -5.54 23.68
N ASP A 80 -10.74 -5.77 24.09
CA ASP A 80 -11.00 -6.58 25.27
C ASP A 80 -10.72 -8.07 25.03
N VAL A 81 -10.84 -8.51 23.78
CA VAL A 81 -10.63 -9.92 23.45
C VAL A 81 -9.18 -10.21 23.06
N PHE A 82 -8.54 -9.23 22.42
CA PHE A 82 -7.21 -9.45 21.87
C PHE A 82 -6.12 -8.94 22.79
N THR A 83 -5.92 -9.70 23.87
CA THR A 83 -4.99 -9.34 24.93
C THR A 83 -4.13 -10.57 25.08
N GLY A 84 -3.21 -10.57 26.03
CA GLY A 84 -2.27 -11.66 26.23
C GLY A 84 -1.63 -12.04 24.91
N ILE A 85 -1.61 -13.34 24.60
CA ILE A 85 -1.02 -13.80 23.35
C ILE A 85 -1.84 -13.39 22.14
N ARG A 86 -3.02 -12.81 22.37
CA ARG A 86 -3.88 -12.39 21.27
C ARG A 86 -3.60 -10.94 20.88
N ALA A 87 -2.82 -10.29 21.73
CA ALA A 87 -2.48 -8.88 21.56
C ALA A 87 -1.74 -8.62 20.26
N PRO A 88 -2.16 -7.59 19.52
CA PRO A 88 -1.52 -7.19 18.25
C PRO A 88 -0.09 -6.68 18.45
N PRO A 89 0.77 -6.86 17.44
CA PRO A 89 2.12 -6.28 17.48
C PRO A 89 2.02 -4.78 17.27
N LYS A 90 2.98 -4.00 17.73
CA LYS A 90 2.87 -2.55 17.52
C LYS A 90 3.26 -2.16 16.08
N GLY A 91 3.92 -3.07 15.37
CA GLY A 91 4.37 -2.80 14.03
C GLY A 91 4.26 -3.94 13.03
N VAL A 92 3.69 -3.62 11.87
CA VAL A 92 3.52 -4.60 10.81
C VAL A 92 4.22 -4.13 9.53
N LEU A 93 4.90 -5.06 8.89
CA LEU A 93 5.66 -4.76 7.69
C LEU A 93 4.96 -5.42 6.50
N LEU A 94 4.58 -4.62 5.51
CA LEU A 94 4.15 -5.17 4.22
C LEU A 94 5.37 -5.15 3.29
N PHE A 95 5.79 -6.30 2.78
CA PHE A 95 6.91 -6.32 1.85
C PHE A 95 6.60 -7.22 0.66
N GLY A 96 7.27 -6.96 -0.45
CA GLY A 96 7.06 -7.72 -1.68
C GLY A 96 7.38 -6.85 -2.86
N PRO A 97 7.11 -7.38 -4.07
CA PRO A 97 7.30 -6.66 -5.32
C PRO A 97 6.43 -5.40 -5.38
N PRO A 98 6.94 -4.36 -6.04
CA PRO A 98 6.24 -3.09 -6.18
C PRO A 98 5.05 -3.22 -7.12
N GLY A 99 4.10 -2.30 -7.03
CA GLY A 99 2.95 -2.33 -7.90
C GLY A 99 1.88 -3.28 -7.44
N THR A 100 1.94 -3.66 -6.17
CA THR A 100 0.89 -4.49 -5.57
C THR A 100 -0.12 -3.64 -4.81
N GLY A 101 0.11 -2.34 -4.75
CA GLY A 101 -0.83 -1.47 -4.08
C GLY A 101 -0.78 -1.61 -2.57
N LYS A 102 0.43 -1.69 -2.01
CA LYS A 102 0.55 -1.84 -0.57
C LYS A 102 -0.13 -0.69 0.17
N THR A 103 0.00 0.52 -0.38
CA THR A 103 -0.64 1.71 0.19
C THR A 103 -2.16 1.55 0.31
N MET A 104 -2.83 1.12 -0.76
CA MET A 104 -4.28 0.95 -0.70
C MET A 104 -4.69 -0.11 0.32
N ILE A 105 -3.86 -1.14 0.46
CA ILE A 105 -4.07 -2.14 1.49
C ILE A 105 -4.10 -1.48 2.88
N GLY A 106 -3.12 -0.60 3.13
CA GLY A 106 -3.03 0.14 4.37
C GLY A 106 -4.30 0.95 4.60
N ARG A 107 -4.75 1.58 3.53
CA ARG A 107 -5.94 2.41 3.60
C ARG A 107 -7.18 1.57 3.96
N CYS A 108 -7.32 0.41 3.33
CA CYS A 108 -8.42 -0.53 3.64
C CYS A 108 -8.36 -1.00 5.08
N VAL A 109 -7.20 -1.50 5.47
CA VAL A 109 -6.99 -1.97 6.83
C VAL A 109 -7.46 -0.94 7.85
N ALA A 110 -7.07 0.32 7.62
CA ALA A 110 -7.44 1.43 8.48
C ALA A 110 -8.96 1.65 8.50
N SER A 111 -9.56 1.60 7.31
CA SER A 111 -10.99 1.76 7.14
C SER A 111 -11.76 0.65 7.86
N GLN A 112 -11.23 -0.55 7.71
CA GLN A 112 -11.80 -1.73 8.36
C GLN A 112 -11.96 -1.58 9.85
N CYS A 113 -11.04 -0.89 10.52
CA CYS A 113 -11.17 -0.74 11.96
C CYS A 113 -11.50 0.66 12.37
N LYS A 114 -12.04 1.44 11.42
CA LYS A 114 -12.45 2.80 11.71
C LYS A 114 -11.33 3.59 12.41
N ALA A 115 -10.11 3.36 11.97
CA ALA A 115 -8.94 4.06 12.46
C ALA A 115 -8.72 5.35 11.68
N THR A 116 -8.01 6.29 12.28
CA THR A 116 -7.58 7.47 11.54
C THR A 116 -6.37 7.04 10.72
N PHE A 117 -6.42 7.30 9.43
CA PHE A 117 -5.33 6.90 8.55
C PHE A 117 -4.34 8.04 8.43
N PHE A 118 -3.07 7.74 8.65
CA PHE A 118 -2.00 8.71 8.47
C PHE A 118 -1.06 8.19 7.41
N ASN A 119 -1.20 8.73 6.21
CA ASN A 119 -0.42 8.26 5.09
C ASN A 119 0.76 9.18 4.85
N ILE A 120 1.95 8.59 4.86
CA ILE A 120 3.17 9.34 4.71
C ILE A 120 4.19 8.47 3.98
N SER A 121 5.10 9.13 3.27
CA SER A 121 6.12 8.45 2.48
C SER A 121 7.44 8.79 3.13
N ALA A 122 8.38 7.85 3.11
CA ALA A 122 9.67 8.10 3.74
C ALA A 122 10.49 9.08 2.91
N SER A 123 10.33 9.03 1.59
CA SER A 123 10.97 10.00 0.70
C SER A 123 10.50 11.41 1.05
N SER A 124 9.19 11.55 1.26
CA SER A 124 8.61 12.86 1.55
C SER A 124 9.26 13.46 2.78
N LEU A 125 9.52 12.62 3.77
CA LEU A 125 10.20 13.06 4.99
C LEU A 125 11.62 13.53 4.78
N THR A 126 12.35 12.80 3.93
CA THR A 126 13.79 13.00 3.83
C THR A 126 14.16 13.80 2.59
N SER A 127 13.16 14.13 1.79
CA SER A 127 13.34 14.91 0.58
C SER A 127 12.39 16.11 0.59
N LYS A 128 11.14 15.90 0.15
CA LYS A 128 10.12 16.97 0.16
C LYS A 128 10.09 17.85 1.43
N TRP A 129 10.29 17.22 2.59
CA TRP A 129 10.11 17.90 3.87
C TRP A 129 11.32 17.89 4.79
N VAL A 130 12.53 17.87 4.20
CA VAL A 130 13.78 17.83 4.95
C VAL A 130 13.81 18.84 6.09
N GLY A 131 13.44 20.08 5.77
CA GLY A 131 13.34 21.13 6.77
C GLY A 131 12.26 20.69 7.72
N GLU A 132 12.47 20.84 9.02
CA GLU A 132 11.53 20.35 10.03
C GLU A 132 11.01 18.92 9.84
N GLY A 133 11.88 18.00 9.40
CA GLY A 133 11.51 16.60 9.24
C GLY A 133 11.32 15.90 10.57
N GLU A 134 12.20 16.21 11.52
CA GLU A 134 12.09 15.72 12.89
C GLU A 134 10.79 16.13 13.57
N LYS A 135 10.40 17.39 13.40
CA LYS A 135 9.21 17.92 14.04
C LYS A 135 7.98 17.25 13.44
N LEU A 136 8.00 17.11 12.12
CA LEU A 136 6.92 16.44 11.39
C LEU A 136 6.73 14.98 11.87
N VAL A 137 7.81 14.24 12.00
CA VAL A 137 7.75 12.84 12.47
C VAL A 137 7.16 12.80 13.89
N ARG A 138 7.69 13.67 14.76
CA ARG A 138 7.24 13.78 16.13
C ARG A 138 5.77 14.20 16.22
N ALA A 139 5.37 15.17 15.40
CA ALA A 139 4.00 15.68 15.44
C ALA A 139 3.06 14.63 14.88
N LEU A 140 3.56 13.84 13.94
CA LEU A 140 2.75 12.79 13.36
C LEU A 140 2.31 11.76 14.43
N PHE A 141 3.25 11.33 15.28
CA PHE A 141 2.91 10.36 16.30
C PHE A 141 2.03 10.99 17.38
N SER A 142 2.18 12.29 17.63
CA SER A 142 1.33 12.93 18.64
C SER A 142 -0.11 13.13 18.14
N VAL A 143 -0.25 13.48 16.87
CA VAL A 143 -1.57 13.57 16.30
C VAL A 143 -2.18 12.17 16.23
N ALA A 144 -1.37 11.17 15.91
CA ALA A 144 -1.87 9.79 15.84
C ALA A 144 -2.36 9.39 17.21
N ARG A 145 -1.57 9.73 18.24
CA ARG A 145 -1.89 9.37 19.62
C ARG A 145 -3.17 10.02 20.12
N LEU A 146 -3.48 11.17 19.52
CA LEU A 146 -4.66 11.95 19.86
C LEU A 146 -5.93 11.41 19.21
N LYS A 147 -5.80 10.82 18.02
CA LYS A 147 -6.97 10.41 17.24
C LYS A 147 -7.17 8.88 17.20
N LEU A 148 -6.66 8.20 18.21
CA LEU A 148 -6.89 6.77 18.39
C LEU A 148 -8.35 6.37 18.08
N PRO A 149 -8.56 5.17 17.51
CA PRO A 149 -7.52 4.24 17.05
C PRO A 149 -6.82 4.81 15.83
N SER A 150 -5.51 4.60 15.72
CA SER A 150 -4.74 5.19 14.62
C SER A 150 -3.89 4.17 13.86
N VAL A 151 -3.87 4.33 12.54
CA VAL A 151 -2.93 3.62 11.69
C VAL A 151 -1.95 4.59 11.02
N ILE A 152 -0.66 4.42 11.29
CA ILE A 152 0.37 5.20 10.62
C ILE A 152 1.04 4.36 9.51
N PHE A 153 0.69 4.64 8.25
CA PHE A 153 1.30 3.96 7.09
C PHE A 153 2.57 4.68 6.60
N ILE A 154 3.70 3.97 6.63
CA ILE A 154 4.98 4.54 6.19
C ILE A 154 5.43 3.84 4.93
N ASP A 155 5.33 4.53 3.79
CA ASP A 155 5.80 4.01 2.51
C ASP A 155 7.33 3.98 2.42
N GLU A 156 7.87 3.01 1.68
CA GLU A 156 9.33 2.83 1.50
C GLU A 156 10.16 3.08 2.76
N ILE A 157 9.78 2.35 3.80
CA ILE A 157 10.37 2.44 5.13
C ILE A 157 11.80 1.93 5.14
N ASP A 158 12.18 1.15 4.14
CA ASP A 158 13.58 0.70 4.00
C ASP A 158 14.57 1.88 4.07
N SER A 159 14.19 3.04 3.50
CA SER A 159 15.03 4.23 3.52
C SER A 159 15.28 4.70 4.94
N LEU A 160 14.18 5.04 5.61
CA LEU A 160 14.22 5.50 6.98
C LEU A 160 15.08 4.61 7.86
N LEU A 161 14.91 3.30 7.74
CA LEU A 161 15.54 2.38 8.67
C LEU A 161 17.00 2.01 8.35
N SER A 162 17.47 2.41 7.17
CA SER A 162 18.83 2.04 6.73
C SER A 162 19.87 3.13 7.00
N SER A 163 21.14 2.73 7.14
CA SER A 163 22.23 3.70 7.24
C SER A 163 23.28 3.44 6.16
N HIS A 169 22.57 14.27 3.85
CA HIS A 169 22.98 13.10 4.62
C HIS A 169 22.64 13.23 6.11
N GLU A 170 23.05 14.36 6.71
CA GLU A 170 22.92 14.55 8.16
C GLU A 170 21.49 14.81 8.67
N SER A 171 20.67 15.42 7.82
CA SER A 171 19.27 15.65 8.15
C SER A 171 18.56 14.30 8.24
N SER A 172 18.92 13.39 7.33
CA SER A 172 18.44 12.02 7.35
C SER A 172 18.65 11.37 8.71
N ARG A 173 19.88 11.48 9.23
CA ARG A 173 20.22 10.97 10.56
C ARG A 173 19.18 11.33 11.61
N ARG A 174 18.88 12.62 11.76
CA ARG A 174 17.95 13.04 12.81
C ARG A 174 16.50 12.62 12.57
N ILE A 175 16.06 12.74 11.31
CA ILE A 175 14.73 12.33 10.90
C ILE A 175 14.57 10.84 11.21
N LYS A 176 15.58 10.06 10.86
CA LYS A 176 15.60 8.62 11.18
C LYS A 176 15.65 8.38 12.67
N THR A 177 16.58 9.05 13.35
CA THR A 177 16.71 8.90 14.79
C THR A 177 15.38 9.21 15.45
N GLU A 178 14.83 10.39 15.14
CA GLU A 178 13.54 10.80 15.68
C GLU A 178 12.48 9.75 15.39
N PHE A 179 12.59 9.11 14.23
CA PHE A 179 11.60 8.12 13.87
C PHE A 179 11.76 6.86 14.74
N LEU A 180 13.00 6.42 14.94
CA LEU A 180 13.27 5.27 15.80
C LEU A 180 12.82 5.55 17.23
N VAL A 181 13.05 6.78 17.68
CA VAL A 181 12.59 7.20 19.00
C VAL A 181 11.08 7.03 19.09
N GLN A 182 10.36 7.58 18.12
CA GLN A 182 8.90 7.49 18.10
C GLN A 182 8.36 6.04 18.09
N LEU A 183 8.95 5.18 17.26
CA LEU A 183 8.62 3.76 17.20
C LEU A 183 8.75 3.06 18.54
N ASP A 184 9.92 3.21 19.17
CA ASP A 184 10.12 2.60 20.48
C ASP A 184 9.23 3.24 21.51
N GLY A 185 8.70 4.43 21.18
CA GLY A 185 7.82 5.14 22.08
C GLY A 185 6.38 4.67 22.04
N VAL A 186 5.98 3.99 20.96
CA VAL A 186 4.62 3.45 20.91
C VAL A 186 4.51 2.28 21.89
N ASN A 187 5.63 1.56 22.05
CA ASN A 187 5.75 0.47 23.01
C ASN A 187 5.91 0.95 24.46
N THR A 188 5.24 2.06 24.79
CA THR A 188 5.23 2.56 26.16
C THR A 188 3.78 2.68 26.61
N ALA A 189 2.91 1.96 25.90
CA ALA A 189 1.50 1.86 26.24
C ALA A 189 0.89 0.64 25.56
N PRO A 190 0.67 -0.45 26.33
CA PRO A 190 0.08 -1.71 25.89
C PRO A 190 -1.21 -1.55 25.07
N ASP A 191 -2.31 -1.20 25.71
CA ASP A 191 -3.55 -0.96 24.96
C ASP A 191 -3.69 0.48 24.48
N GLU A 192 -2.84 0.85 23.52
CA GLU A 192 -3.13 1.97 22.64
C GLU A 192 -3.35 1.35 21.29
N ARG A 193 -4.57 1.45 20.77
CA ARG A 193 -4.82 1.00 19.40
C ARG A 193 -4.14 1.94 18.41
N LEU A 194 -2.81 1.84 18.38
CA LEU A 194 -1.98 2.62 17.48
C LEU A 194 -1.01 1.66 16.84
N LEU A 195 -1.11 1.50 15.54
CA LEU A 195 -0.21 0.59 14.86
C LEU A 195 0.58 1.31 13.78
N VAL A 196 1.88 1.00 13.70
CA VAL A 196 2.70 1.49 12.60
C VAL A 196 2.85 0.44 11.49
N LEU A 197 2.27 0.74 10.33
CA LEU A 197 2.30 -0.16 9.18
C LEU A 197 3.33 0.35 8.19
N GLY A 198 4.48 -0.31 8.14
CA GLY A 198 5.52 0.04 7.18
C GLY A 198 5.45 -0.79 5.91
N ALA A 199 5.79 -0.18 4.77
CA ALA A 199 5.88 -0.94 3.51
C ALA A 199 7.24 -0.77 2.85
N THR A 200 7.69 -1.85 2.21
CA THR A 200 8.95 -1.85 1.50
C THR A 200 8.92 -2.81 0.31
N ASN A 201 9.58 -2.40 -0.78
CA ASN A 201 9.78 -3.26 -1.91
C ASN A 201 11.18 -3.83 -1.82
N ARG A 202 11.90 -3.42 -0.77
CA ARG A 202 13.29 -3.81 -0.54
C ARG A 202 13.53 -4.21 0.93
N PRO A 203 12.93 -5.32 1.35
CA PRO A 203 13.04 -5.72 2.76
C PRO A 203 14.45 -6.18 3.16
N GLN A 204 15.22 -6.64 2.19
CA GLN A 204 16.56 -7.13 2.47
C GLN A 204 17.45 -6.01 3.04
N GLU A 205 17.07 -4.77 2.77
CA GLU A 205 17.76 -3.58 3.28
C GLU A 205 17.39 -3.22 4.73
N LEU A 206 17.09 -4.24 5.54
CA LEU A 206 16.61 -4.04 6.90
C LEU A 206 17.32 -4.95 7.87
N ASP A 207 18.14 -4.34 8.71
CA ASP A 207 18.94 -5.08 9.69
C ASP A 207 18.10 -5.78 10.76
N GLU A 208 18.74 -6.66 11.53
CA GLU A 208 18.12 -7.40 12.64
C GLU A 208 17.42 -6.45 13.62
N ALA A 209 17.75 -5.16 13.52
CA ALA A 209 17.21 -4.14 14.41
C ALA A 209 16.00 -3.41 13.83
N ALA A 210 16.02 -3.16 12.52
CA ALA A 210 14.85 -2.57 11.86
C ALA A 210 13.72 -3.58 11.80
N ARG A 211 14.07 -4.85 11.60
CA ARG A 211 13.07 -5.92 11.54
C ARG A 211 12.39 -6.12 12.89
N ARG A 212 13.15 -5.91 13.96
CA ARG A 212 12.65 -6.06 15.32
C ARG A 212 11.51 -5.09 15.60
N ARG A 213 11.55 -3.91 14.97
CA ARG A 213 10.48 -2.91 15.09
C ARG A 213 9.16 -3.37 14.47
N PHE A 214 9.19 -4.52 13.81
CA PHE A 214 8.02 -5.01 13.11
C PHE A 214 7.86 -6.48 13.39
N GLN A 215 7.11 -6.82 14.42
CA GLN A 215 7.07 -8.20 14.87
C GLN A 215 6.32 -9.12 13.89
N LYS A 216 5.46 -8.53 13.07
CA LYS A 216 4.74 -9.27 12.05
C LYS A 216 5.07 -8.70 10.65
N ARG A 217 5.46 -9.57 9.72
CA ARG A 217 5.90 -9.11 8.40
C ARG A 217 5.23 -9.93 7.30
N LEU A 218 4.27 -9.31 6.62
CA LEU A 218 3.45 -10.00 5.62
C LEU A 218 4.01 -9.80 4.23
N TYR A 219 4.22 -10.90 3.52
CA TYR A 219 4.63 -10.85 2.13
C TYR A 219 3.41 -10.55 1.28
N ILE A 220 3.38 -9.37 0.65
CA ILE A 220 2.34 -9.07 -0.33
C ILE A 220 2.79 -9.54 -1.72
N ALA A 221 2.21 -10.65 -2.17
CA ALA A 221 2.64 -11.33 -3.40
C ALA A 221 2.02 -10.72 -4.65
N LEU A 222 2.57 -11.09 -5.81
CA LEU A 222 1.97 -10.68 -7.07
C LEU A 222 0.58 -11.27 -7.06
N PRO A 223 -0.39 -10.60 -7.71
CA PRO A 223 -1.78 -11.07 -7.73
C PRO A 223 -1.92 -12.44 -8.38
N GLU A 224 -2.80 -13.26 -7.82
CA GLU A 224 -3.11 -14.58 -8.37
C GLU A 224 -4.01 -14.40 -9.59
N PRO A 225 -4.13 -15.44 -10.44
CA PRO A 225 -4.89 -15.32 -11.69
C PRO A 225 -6.28 -14.70 -11.54
N GLU A 226 -7.04 -15.16 -10.55
CA GLU A 226 -8.36 -14.62 -10.26
C GLU A 226 -8.31 -13.10 -10.00
N SER A 227 -7.28 -12.67 -9.29
CA SER A 227 -7.14 -11.26 -8.94
C SER A 227 -6.72 -10.43 -10.15
N ARG A 228 -5.96 -11.02 -11.05
CA ARG A 228 -5.55 -10.31 -12.26
C ARG A 228 -6.76 -9.91 -13.05
N THR A 229 -7.72 -10.82 -13.19
CA THR A 229 -8.92 -10.54 -13.96
C THR A 229 -9.90 -9.63 -13.23
N GLN A 230 -9.95 -9.74 -11.91
CA GLN A 230 -10.86 -8.86 -11.17
C GLN A 230 -10.41 -7.43 -11.40
N ILE A 231 -9.09 -7.25 -11.35
CA ILE A 231 -8.50 -5.96 -11.69
C ILE A 231 -8.86 -5.52 -13.12
N VAL A 232 -8.70 -6.40 -14.12
CA VAL A 232 -9.06 -6.03 -15.49
C VAL A 232 -10.50 -5.54 -15.55
N GLN A 233 -11.39 -6.32 -14.95
CA GLN A 233 -12.78 -5.97 -14.96
C GLN A 233 -12.96 -4.62 -14.29
N ASN A 234 -12.31 -4.41 -13.14
CA ASN A 234 -12.43 -3.13 -12.47
C ASN A 234 -12.00 -1.98 -13.36
N LEU A 235 -10.83 -2.13 -13.98
CA LEU A 235 -10.26 -1.09 -14.83
C LEU A 235 -11.02 -0.82 -16.14
N LEU A 236 -11.84 -1.78 -16.57
CA LEU A 236 -12.57 -1.63 -17.84
C LEU A 236 -13.88 -0.83 -17.77
N VAL A 237 -14.47 -0.72 -16.59
CA VAL A 237 -15.70 0.04 -16.41
C VAL A 237 -15.49 1.50 -16.83
N GLY A 238 -16.45 2.03 -17.58
CA GLY A 238 -16.31 3.35 -18.17
C GLY A 238 -15.61 3.34 -19.52
N THR A 239 -15.22 2.15 -19.96
CA THR A 239 -14.57 1.97 -21.25
C THR A 239 -15.36 0.91 -21.96
N ARG A 240 -15.79 1.21 -23.19
CA ARG A 240 -16.56 0.26 -23.97
C ARG A 240 -15.70 -0.98 -24.25
N HIS A 241 -16.14 -2.15 -23.81
CA HIS A 241 -15.40 -3.39 -24.08
C HIS A 241 -16.31 -4.58 -24.38
N ASP A 242 -15.82 -5.47 -25.24
CA ASP A 242 -16.53 -6.71 -25.56
C ASP A 242 -15.81 -7.94 -25.00
N ILE A 243 -15.24 -7.80 -23.82
CA ILE A 243 -14.58 -8.91 -23.12
C ILE A 243 -15.59 -9.84 -22.46
N THR A 244 -15.55 -11.12 -22.81
CA THR A 244 -16.45 -12.14 -22.23
C THR A 244 -15.80 -12.91 -21.09
N ASN A 245 -16.59 -13.75 -20.42
CA ASN A 245 -16.08 -14.56 -19.31
C ASN A 245 -15.01 -15.55 -19.75
N HIS A 246 -15.07 -15.97 -20.99
CA HIS A 246 -14.09 -16.91 -21.52
C HIS A 246 -12.80 -16.19 -21.88
N ASN A 247 -12.95 -14.99 -22.40
CA ASN A 247 -11.82 -14.11 -22.70
C ASN A 247 -10.88 -13.98 -21.50
N LEU A 248 -11.46 -13.87 -20.31
CA LEU A 248 -10.68 -13.74 -19.07
C LEU A 248 -9.70 -14.86 -18.82
N GLU A 249 -10.10 -16.11 -19.10
CA GLU A 249 -9.18 -17.23 -18.98
C GLU A 249 -7.90 -16.92 -19.75
N ARG A 250 -8.09 -16.38 -20.96
CA ARG A 250 -6.98 -16.08 -21.86
C ARG A 250 -6.11 -14.99 -21.27
N ILE A 251 -6.76 -13.91 -20.83
CA ILE A 251 -6.06 -12.81 -20.19
C ILE A 251 -5.21 -13.30 -19.00
N ARG A 252 -5.66 -14.34 -18.31
CA ARG A 252 -4.91 -14.91 -17.20
C ARG A 252 -3.59 -15.51 -17.66
N GLU A 253 -3.63 -16.40 -18.64
CA GLU A 253 -2.41 -17.04 -19.13
C GLU A 253 -1.47 -16.03 -19.78
N LEU A 254 -2.03 -14.90 -20.22
CA LEU A 254 -1.22 -13.84 -20.83
C LEU A 254 -0.41 -13.05 -19.81
N THR A 255 -0.87 -13.06 -18.56
CA THR A 255 -0.44 -12.11 -17.55
C THR A 255 0.17 -12.75 -16.31
N ASP A 256 0.59 -14.01 -16.44
CA ASP A 256 1.36 -14.67 -15.40
C ASP A 256 2.57 -13.79 -15.09
N GLY A 257 2.91 -13.63 -13.80
CA GLY A 257 4.00 -12.78 -13.41
C GLY A 257 3.72 -11.29 -13.34
N TYR A 258 2.53 -10.86 -13.77
CA TYR A 258 2.19 -9.43 -13.70
C TYR A 258 1.87 -8.97 -12.28
N SER A 259 2.33 -7.77 -11.94
CA SER A 259 1.84 -7.10 -10.74
C SER A 259 0.53 -6.41 -11.09
N GLY A 260 -0.13 -5.81 -10.11
CA GLY A 260 -1.34 -5.06 -10.40
C GLY A 260 -0.99 -3.92 -11.34
N ALA A 261 0.06 -3.18 -11.00
CA ALA A 261 0.52 -2.08 -11.85
C ALA A 261 0.76 -2.50 -13.32
N ASP A 262 1.37 -3.67 -13.51
CA ASP A 262 1.59 -4.23 -14.86
C ASP A 262 0.24 -4.46 -15.54
N MET A 263 -0.70 -5.05 -14.79
CA MET A 263 -2.10 -5.21 -15.23
C MET A 263 -2.75 -3.91 -15.70
N ARG A 264 -2.55 -2.84 -14.93
CA ARG A 264 -3.12 -1.54 -15.32
C ARG A 264 -2.50 -1.05 -16.64
N GLN A 265 -1.18 -1.13 -16.72
CA GLN A 265 -0.45 -0.78 -17.94
C GLN A 265 -0.99 -1.58 -19.13
N LEU A 266 -1.26 -2.86 -18.89
CA LEU A 266 -1.83 -3.76 -19.89
C LEU A 266 -3.17 -3.22 -20.44
N CYS A 267 -4.08 -2.82 -19.55
CA CYS A 267 -5.43 -2.37 -19.92
C CYS A 267 -5.41 -1.05 -20.70
N THR A 268 -4.56 -0.14 -20.25
CA THR A 268 -4.30 1.12 -20.94
C THR A 268 -3.83 0.85 -22.38
N GLU A 269 -2.84 -0.05 -22.50
CA GLU A 269 -2.34 -0.48 -23.81
C GLU A 269 -3.45 -1.08 -24.63
N ALA A 270 -4.24 -1.96 -24.02
CA ALA A 270 -5.29 -2.65 -24.73
C ALA A 270 -6.29 -1.60 -25.19
N ALA A 271 -6.60 -0.66 -24.28
CA ALA A 271 -7.61 0.37 -24.56
C ALA A 271 -7.21 1.22 -25.74
N MET A 272 -5.91 1.30 -26.04
CA MET A 272 -5.45 2.09 -27.18
C MET A 272 -5.84 1.48 -28.51
N GLY A 273 -6.09 0.17 -28.52
CA GLY A 273 -6.53 -0.50 -29.72
C GLY A 273 -7.58 0.26 -30.53
N PRO A 274 -8.78 0.39 -29.98
CA PRO A 274 -9.85 1.16 -30.62
C PRO A 274 -9.43 2.56 -31.10
N ILE A 275 -8.63 3.26 -30.31
CA ILE A 275 -8.04 4.54 -30.74
C ILE A 275 -7.19 4.48 -32.03
N ARG A 276 -6.24 3.54 -32.11
CA ARG A 276 -5.30 3.44 -33.25
C ARG A 276 -5.97 3.06 -34.57
N ASP A 277 -7.05 2.29 -34.48
CA ASP A 277 -7.73 1.77 -35.66
C ASP A 277 -8.35 2.86 -36.51
N ILE A 278 -8.61 4.01 -35.89
CA ILE A 278 -9.38 5.05 -36.56
C ILE A 278 -8.52 6.20 -37.02
N GLY A 279 -7.23 6.10 -36.71
CA GLY A 279 -6.28 7.14 -37.07
C GLY A 279 -6.78 8.56 -36.86
N ASP A 280 -6.77 9.33 -37.94
CA ASP A 280 -7.08 10.75 -37.89
C ASP A 280 -8.51 11.06 -37.51
N ASP A 281 -9.35 10.03 -37.47
CA ASP A 281 -10.74 10.21 -37.14
C ASP A 281 -10.96 10.43 -35.65
N ILE A 282 -9.93 10.19 -34.84
CA ILE A 282 -9.99 10.46 -33.42
C ILE A 282 -10.26 11.94 -33.16
N GLU A 283 -9.87 12.77 -34.11
CA GLU A 283 -10.10 14.20 -34.01
C GLU A 283 -11.55 14.63 -34.15
N THR A 284 -12.38 13.78 -34.75
CA THR A 284 -13.78 14.16 -35.02
C THR A 284 -14.80 13.14 -34.58
N ILE A 285 -14.38 11.91 -34.33
CA ILE A 285 -15.29 10.81 -34.06
C ILE A 285 -16.08 11.05 -32.79
N ASP A 286 -17.37 10.69 -32.84
CA ASP A 286 -18.18 10.67 -31.63
C ASP A 286 -17.63 9.60 -30.70
N LYS A 287 -17.40 9.96 -29.45
CA LYS A 287 -16.81 9.04 -28.48
C LYS A 287 -17.48 7.66 -28.40
N ASP A 288 -18.76 7.58 -28.76
CA ASP A 288 -19.51 6.32 -28.62
C ASP A 288 -19.29 5.41 -29.81
N ASP A 289 -18.77 5.99 -30.87
CA ASP A 289 -18.52 5.24 -32.10
C ASP A 289 -17.14 4.63 -32.12
N ILE A 290 -16.40 4.86 -31.04
CA ILE A 290 -15.11 4.23 -30.86
C ILE A 290 -15.33 2.76 -30.56
N ARG A 291 -14.55 1.92 -31.23
CA ARG A 291 -14.69 0.47 -31.22
C ARG A 291 -14.56 -0.10 -29.80
N ALA A 292 -15.16 -1.25 -29.54
CA ALA A 292 -14.97 -1.87 -28.21
C ALA A 292 -13.59 -2.52 -28.04
N VAL A 293 -13.03 -2.43 -26.83
CA VAL A 293 -11.80 -3.17 -26.49
C VAL A 293 -12.11 -4.67 -26.52
N THR A 294 -11.25 -5.46 -27.18
CA THR A 294 -11.42 -6.93 -27.24
C THR A 294 -10.24 -7.68 -26.68
N VAL A 295 -10.34 -9.01 -26.63
CA VAL A 295 -9.22 -9.81 -26.16
C VAL A 295 -8.06 -9.64 -27.10
N MET A 296 -8.36 -9.47 -28.39
CA MET A 296 -7.27 -9.28 -29.36
C MET A 296 -6.38 -8.12 -28.91
N ASP A 297 -7.02 -7.04 -28.49
CA ASP A 297 -6.30 -5.91 -27.93
C ASP A 297 -5.37 -6.32 -26.78
N PHE A 298 -5.87 -7.16 -25.89
CA PHE A 298 -5.06 -7.61 -24.77
C PHE A 298 -3.89 -8.48 -25.23
N ALA A 299 -4.18 -9.43 -26.13
CA ALA A 299 -3.17 -10.31 -26.73
C ALA A 299 -2.06 -9.49 -27.32
N GLU A 300 -2.44 -8.47 -28.11
CA GLU A 300 -1.46 -7.56 -28.71
C GLU A 300 -0.74 -6.74 -27.66
N ALA A 301 -1.49 -6.27 -26.66
CA ALA A 301 -0.92 -5.44 -25.61
C ALA A 301 0.06 -6.24 -24.74
N ALA A 302 -0.23 -7.53 -24.58
CA ALA A 302 0.64 -8.41 -23.79
C ALA A 302 2.01 -8.54 -24.45
N ARG A 303 2.05 -8.33 -25.77
CA ARG A 303 3.29 -8.46 -26.54
C ARG A 303 4.18 -7.25 -26.31
N VAL A 304 3.54 -6.16 -25.90
CA VAL A 304 4.19 -4.88 -25.69
C VAL A 304 4.63 -4.70 -24.24
N VAL A 305 3.69 -4.81 -23.31
CA VAL A 305 3.97 -4.71 -21.89
C VAL A 305 4.96 -5.81 -21.44
N ARG A 306 5.77 -5.51 -20.42
CA ARG A 306 6.69 -6.48 -19.82
C ARG A 306 6.52 -6.48 -18.30
N PRO A 307 6.39 -7.69 -17.71
CA PRO A 307 6.28 -7.78 -16.25
C PRO A 307 7.44 -7.04 -15.58
N THR A 308 7.15 -6.26 -14.54
CA THR A 308 8.15 -5.42 -13.88
C THR A 308 9.20 -6.20 -13.06
N VAL A 309 8.78 -7.26 -12.37
CA VAL A 309 9.71 -7.98 -11.52
C VAL A 309 10.09 -9.31 -12.16
N ASP A 310 11.39 -9.65 -12.11
CA ASP A 310 11.83 -10.94 -12.62
C ASP A 310 11.80 -12.01 -11.54
N ASP A 311 12.11 -13.24 -11.95
CA ASP A 311 12.04 -14.38 -11.06
C ASP A 311 13.13 -14.31 -9.99
N SER A 312 14.20 -13.56 -10.27
CA SER A 312 15.25 -13.41 -9.28
C SER A 312 14.70 -12.68 -8.07
N GLN A 313 14.10 -11.52 -8.32
CA GLN A 313 13.51 -10.72 -7.26
C GLN A 313 12.48 -11.53 -6.46
N LEU A 314 11.68 -12.31 -7.17
CA LEU A 314 10.69 -13.17 -6.53
C LEU A 314 11.35 -14.20 -5.63
N ASP A 315 12.37 -14.89 -6.15
CA ASP A 315 13.11 -15.88 -5.37
C ASP A 315 13.65 -15.26 -4.09
N ALA A 316 14.17 -14.04 -4.22
CA ALA A 316 14.71 -13.31 -3.10
C ALA A 316 13.63 -13.05 -2.03
N TYR A 317 12.54 -12.39 -2.43
CA TYR A 317 11.42 -12.12 -1.54
C TYR A 317 11.00 -13.39 -0.81
N ALA A 318 10.95 -14.49 -1.56
CA ALA A 318 10.41 -15.75 -1.04
C ALA A 318 11.34 -16.30 0.01
N ALA A 319 12.63 -16.14 -0.26
CA ALA A 319 13.68 -16.56 0.66
C ALA A 319 13.62 -15.75 1.96
N TRP A 320 13.59 -14.42 1.82
CA TRP A 320 13.43 -13.49 2.95
C TRP A 320 12.16 -13.81 3.75
N ASP A 321 11.06 -14.04 3.03
CA ASP A 321 9.79 -14.42 3.66
C ASP A 321 9.90 -15.73 4.46
N LYS A 322 10.79 -16.63 4.03
CA LYS A 322 10.96 -17.88 4.75
C LYS A 322 11.61 -17.65 6.13
N LYS A 323 12.61 -16.78 6.19
CA LYS A 323 13.34 -16.50 7.43
C LYS A 323 12.61 -15.54 8.38
N PHE A 324 12.00 -14.49 7.83
CA PHE A 324 11.44 -13.42 8.66
C PHE A 324 9.96 -13.19 8.46
N GLY A 325 9.34 -13.96 7.57
CA GLY A 325 7.92 -13.83 7.30
C GLY A 325 7.04 -14.66 8.24
N CYS A 326 5.77 -14.28 8.34
CA CYS A 326 4.85 -14.96 9.23
C CYS A 326 3.62 -15.50 8.51
N LEU A 327 3.42 -15.06 7.27
CA LEU A 327 2.41 -15.65 6.39
C LEU A 327 2.81 -17.10 6.07
N PRO A 328 1.81 -18.01 5.99
CA PRO A 328 1.98 -19.45 5.73
C PRO A 328 2.58 -19.79 4.36
C TAM B . 5.93 -11.11 26.96
C1 TAM B . 6.08 -9.74 26.33
C2 TAM B . 7.02 -12.04 26.45
C3 TAM B . 4.60 -11.69 26.53
C4 TAM B . 5.55 -8.62 27.20
C5 TAM B . 7.50 -13.04 27.48
C6 TAM B . 4.68 -12.35 25.18
N TAM B . 5.95 -10.97 28.38
O4 TAM B . 6.11 -7.42 26.71
O5 TAM B . 8.90 -13.13 27.37
O6 TAM B . 3.36 -12.65 24.77
#